data_3TR8
#
_entry.id   3TR8
#
_cell.length_a   117.656
_cell.length_b   61.300
_cell.length_c   58.094
_cell.angle_alpha   90.000
_cell.angle_beta   112.410
_cell.angle_gamma   90.000
#
_symmetry.space_group_name_H-M   'C 1 2 1'
#
loop_
_entity.id
_entity.type
_entity.pdbx_description
1 polymer Oligoribonuclease
2 non-polymer 'MANGANESE (II) ION'
3 non-polymer 'MAGNESIUM ION'
4 non-polymer 'ACETATE ION'
5 water water
#
_entity_poly.entity_id   1
_entity_poly.type   'polypeptide(L)'
_entity_poly.pdbx_seq_one_letter_code
;SNA(MSE)DFSDDNLIWLDLE(MSE)TGLDPERDRIIEIATIVTNSHLDILAEGPAFAIHQPDKLLTA(MSE)DNWNTSH
HTASGLLERVKNSSVDEVEAETLTLAFLEKYVSAGKSPLCGNSVCQDRRFLSRY(MSE)PRLNQFFHYRHLDVTTLKILA
QRWAPQIAAAHIKESQHLALQDIRDSIEELRYYRAHLLNLSK
;
_entity_poly.pdbx_strand_id   A,B
#
# COMPACT_ATOMS: atom_id res chain seq x y z
N SER A 1 -21.10 -2.56 30.89
CA SER A 1 -19.87 -1.95 30.38
C SER A 1 -18.65 -2.45 31.14
N ASN A 2 -17.46 -2.04 30.67
CA ASN A 2 -16.20 -2.44 31.27
C ASN A 2 -15.03 -1.62 30.73
N ALA A 3 -13.87 -1.75 31.35
CA ALA A 3 -12.70 -0.95 30.98
C ALA A 3 -11.69 -1.75 30.15
N ASP A 5 -10.04 -2.95 26.66
CA ASP A 5 -9.72 -2.07 25.55
C ASP A 5 -10.40 -2.42 24.23
N PHE A 6 -11.10 -3.55 24.18
CA PHE A 6 -11.70 -3.98 22.92
C PHE A 6 -12.56 -2.89 22.26
N SER A 7 -12.48 -2.84 20.93
CA SER A 7 -13.28 -1.93 20.11
C SER A 7 -13.02 -2.17 18.63
N ASP A 8 -14.06 -2.07 17.82
CA ASP A 8 -13.90 -2.24 16.38
C ASP A 8 -13.40 -0.96 15.72
N ASP A 9 -13.22 0.08 16.53
CA ASP A 9 -12.63 1.33 16.05
C ASP A 9 -11.12 1.33 16.24
N ASN A 10 -10.61 0.33 16.95
CA ASN A 10 -9.18 0.22 17.24
C ASN A 10 -8.35 -0.09 16.00
N LEU A 11 -7.11 0.39 16.00
CA LEU A 11 -6.20 0.19 14.87
C LEU A 11 -5.12 -0.84 15.18
N ILE A 12 -4.78 -1.65 14.19
CA ILE A 12 -3.71 -2.63 14.34
C ILE A 12 -2.48 -2.23 13.53
N TRP A 13 -1.38 -1.98 14.24
CA TRP A 13 -0.12 -1.67 13.60
C TRP A 13 0.77 -2.90 13.58
N LEU A 14 1.39 -3.17 12.44
CA LEU A 14 2.22 -4.36 12.31
C LEU A 14 3.47 -4.11 11.47
N ASP A 15 4.61 -4.57 11.98
CA ASP A 15 5.86 -4.50 11.23
C ASP A 15 6.50 -5.88 11.07
N LEU A 16 7.19 -6.06 9.95
CA LEU A 16 7.89 -7.30 9.69
C LEU A 16 9.32 -6.99 9.28
N GLU A 17 10.20 -7.97 9.47
CA GLU A 17 11.52 -7.92 8.88
C GLU A 17 11.64 -9.19 8.08
N THR A 19 14.06 -11.57 4.93
CA THR A 19 15.40 -11.86 4.48
C THR A 19 15.68 -11.14 3.16
N GLY A 20 14.63 -10.57 2.58
CA GLY A 20 14.74 -9.86 1.33
C GLY A 20 13.46 -9.17 0.90
N LEU A 21 13.40 -8.80 -0.37
CA LEU A 21 12.27 -8.04 -0.92
C LEU A 21 11.32 -8.93 -1.71
N ASP A 22 11.75 -10.15 -2.01
CA ASP A 22 10.94 -11.07 -2.82
C ASP A 22 10.12 -12.02 -1.95
N PRO A 23 8.79 -11.78 -1.89
CA PRO A 23 7.91 -12.58 -1.01
C PRO A 23 7.82 -14.03 -1.44
N GLU A 24 7.94 -14.29 -2.74
CA GLU A 24 7.83 -15.64 -3.28
C GLU A 24 9.13 -16.43 -3.08
N ARG A 25 10.14 -15.75 -2.55
CA ARG A 25 11.47 -16.34 -2.47
C ARG A 25 12.06 -16.12 -1.07
N ASP A 26 11.75 -14.97 -0.47
CA ASP A 26 12.25 -14.64 0.87
C ASP A 26 11.27 -15.09 1.95
N ARG A 27 11.65 -14.87 3.20
CA ARG A 27 10.85 -15.28 4.35
C ARG A 27 10.74 -14.16 5.37
N ILE A 28 9.76 -14.28 6.26
CA ILE A 28 9.64 -13.41 7.41
C ILE A 28 10.59 -13.93 8.49
N ILE A 29 11.35 -13.02 9.10
CA ILE A 29 12.25 -13.40 10.19
C ILE A 29 11.92 -12.66 11.46
N GLU A 30 10.98 -11.71 11.38
CA GLU A 30 10.48 -11.04 12.57
C GLU A 30 9.07 -10.49 12.37
N ILE A 31 8.31 -10.43 13.46
CA ILE A 31 6.96 -9.88 13.45
C ILE A 31 6.68 -9.17 14.77
N ALA A 32 5.88 -8.11 14.70
CA ALA A 32 5.50 -7.37 15.88
C ALA A 32 4.21 -6.60 15.59
N THR A 33 3.39 -6.42 16.62
CA THR A 33 2.15 -5.68 16.46
C THR A 33 1.90 -4.77 17.65
N ILE A 34 1.21 -3.67 17.39
CA ILE A 34 0.80 -2.76 18.45
C ILE A 34 -0.61 -2.29 18.14
N VAL A 35 -1.46 -2.30 19.16
CA VAL A 35 -2.83 -1.82 19.02
C VAL A 35 -2.99 -0.44 19.62
N THR A 36 -3.55 0.48 18.83
CA THR A 36 -3.91 1.80 19.32
C THR A 36 -5.39 2.02 19.11
N ASN A 37 -5.95 3.03 19.76
CA ASN A 37 -7.29 3.47 19.40
C ASN A 37 -7.18 4.44 18.22
N SER A 38 -8.31 5.01 17.80
CA SER A 38 -8.28 5.93 16.67
C SER A 38 -7.51 7.21 17.00
N HIS A 39 -7.47 7.56 18.29
CA HIS A 39 -6.75 8.74 18.75
C HIS A 39 -5.24 8.49 18.80
N LEU A 40 -4.83 7.27 18.45
CA LEU A 40 -3.42 6.88 18.40
C LEU A 40 -2.85 6.53 19.76
N ASP A 41 -3.68 6.58 20.80
CA ASP A 41 -3.25 6.11 22.11
C ASP A 41 -2.96 4.63 22.05
N ILE A 42 -1.77 4.25 22.50
CA ILE A 42 -1.36 2.86 22.53
C ILE A 42 -2.09 2.12 23.65
N LEU A 43 -2.86 1.11 23.29
CA LEU A 43 -3.60 0.33 24.28
C LEU A 43 -2.75 -0.80 24.82
N ALA A 44 -2.15 -1.55 23.91
CA ALA A 44 -1.32 -2.69 24.30
C ALA A 44 -0.36 -3.08 23.18
N GLU A 45 0.87 -3.40 23.54
CA GLU A 45 1.85 -3.86 22.58
C GLU A 45 1.75 -5.37 22.45
N GLY A 46 1.91 -5.87 21.23
CA GLY A 46 1.77 -7.30 20.97
C GLY A 46 3.09 -8.05 21.09
N PRO A 47 3.03 -9.37 20.95
CA PRO A 47 4.23 -10.22 21.04
C PRO A 47 5.20 -9.91 19.89
N ALA A 48 6.49 -9.77 20.20
CA ALA A 48 7.50 -9.58 19.19
C ALA A 48 8.32 -10.86 19.01
N PHE A 49 8.18 -11.47 17.84
CA PHE A 49 8.76 -12.79 17.59
C PHE A 49 9.90 -12.75 16.58
N ALA A 50 11.09 -13.18 17.01
CA ALA A 50 12.10 -13.57 16.04
C ALA A 50 11.62 -14.90 15.47
N ILE A 51 11.61 -15.02 14.15
CA ILE A 51 11.12 -16.24 13.52
C ILE A 51 12.27 -17.09 12.96
N HIS A 52 12.39 -18.30 13.48
CA HIS A 52 13.46 -19.21 13.10
C HIS A 52 13.41 -19.55 11.62
N GLN A 53 14.57 -19.45 10.97
CA GLN A 53 14.73 -19.92 9.60
C GLN A 53 16.04 -20.70 9.52
N PRO A 54 16.11 -21.68 8.60
CA PRO A 54 17.32 -22.49 8.47
C PRO A 54 18.51 -21.68 7.96
N ASP A 55 19.70 -21.99 8.44
CA ASP A 55 20.90 -21.26 8.04
C ASP A 55 21.08 -21.18 6.53
N LYS A 56 20.71 -22.23 5.81
CA LYS A 56 20.85 -22.26 4.36
C LYS A 56 20.10 -21.13 3.67
N LEU A 57 19.15 -20.53 4.40
CA LEU A 57 18.37 -19.43 3.87
C LEU A 57 19.00 -18.09 4.25
N LEU A 58 19.30 -17.95 5.54
CA LEU A 58 19.91 -16.73 6.06
C LEU A 58 21.26 -16.42 5.42
N THR A 59 22.00 -17.47 5.03
CA THR A 59 23.30 -17.29 4.43
C THR A 59 23.20 -16.96 2.95
N ALA A 60 21.98 -16.91 2.45
CA ALA A 60 21.75 -16.56 1.04
C ALA A 60 21.23 -15.14 0.90
N ASP A 62 21.68 -11.02 0.77
CA ASP A 62 22.70 -10.12 0.23
C ASP A 62 23.47 -9.43 1.35
N ASN A 63 24.56 -8.74 0.99
CA ASN A 63 25.37 -8.02 1.97
C ASN A 63 24.52 -7.12 2.84
N TRP A 64 23.63 -6.36 2.21
CA TRP A 64 22.83 -5.37 2.91
C TRP A 64 22.00 -5.97 4.04
N ASN A 65 21.39 -7.12 3.80
CA ASN A 65 20.54 -7.73 4.81
C ASN A 65 21.33 -8.48 5.88
N THR A 66 22.45 -9.07 5.50
CA THR A 66 23.30 -9.77 6.44
C THR A 66 23.95 -8.76 7.38
N SER A 67 24.21 -7.57 6.85
CA SER A 67 24.80 -6.49 7.63
C SER A 67 23.82 -5.99 8.68
N HIS A 68 22.62 -5.64 8.23
CA HIS A 68 21.61 -5.04 9.10
C HIS A 68 21.07 -5.98 10.16
N HIS A 69 20.75 -7.21 9.77
CA HIS A 69 20.14 -8.17 10.68
C HIS A 69 21.13 -8.75 11.68
N THR A 70 22.41 -8.81 11.31
CA THR A 70 23.44 -9.20 12.27
C THR A 70 23.62 -8.07 13.29
N ALA A 71 23.80 -6.86 12.77
CA ALA A 71 24.06 -5.69 13.60
C ALA A 71 22.94 -5.42 14.60
N SER A 72 21.70 -5.63 14.17
CA SER A 72 20.54 -5.35 15.01
C SER A 72 20.31 -6.49 16.01
N GLY A 73 21.04 -7.58 15.84
CA GLY A 73 20.93 -8.71 16.73
C GLY A 73 19.78 -9.64 16.37
N LEU A 74 19.04 -9.30 15.34
CA LEU A 74 17.91 -10.12 14.90
C LEU A 74 18.36 -11.51 14.45
N LEU A 75 19.50 -11.57 13.77
CA LEU A 75 19.99 -12.83 13.23
C LEU A 75 20.29 -13.88 14.30
N GLU A 76 20.93 -13.47 15.39
CA GLU A 76 21.20 -14.40 16.48
C GLU A 76 19.90 -14.84 17.15
N ARG A 77 18.96 -13.91 17.29
CA ARG A 77 17.65 -14.22 17.86
C ARG A 77 16.88 -15.20 16.97
N VAL A 78 17.12 -15.14 15.66
CA VAL A 78 16.47 -16.03 14.71
C VAL A 78 17.00 -17.46 14.80
N LYS A 79 18.33 -17.60 14.78
CA LYS A 79 18.97 -18.90 14.94
C LYS A 79 18.47 -19.60 16.20
N ASN A 80 18.34 -18.84 17.30
CA ASN A 80 17.98 -19.40 18.60
C ASN A 80 16.47 -19.47 18.84
N SER A 81 15.68 -19.17 17.81
CA SER A 81 14.24 -19.14 17.95
C SER A 81 13.62 -20.53 17.88
N SER A 82 12.57 -20.75 18.67
CA SER A 82 11.78 -21.97 18.58
C SER A 82 10.39 -21.69 18.02
N VAL A 83 10.25 -20.57 17.33
CA VAL A 83 8.96 -20.16 16.79
C VAL A 83 8.97 -20.06 15.26
N ASP A 84 7.99 -20.70 14.63
CA ASP A 84 7.85 -20.62 13.17
C ASP A 84 6.65 -19.73 12.80
N GLU A 85 6.44 -19.55 11.50
CA GLU A 85 5.35 -18.70 11.03
C GLU A 85 4.03 -18.98 11.73
N VAL A 86 3.64 -20.25 11.78
CA VAL A 86 2.32 -20.63 12.30
C VAL A 86 2.14 -20.29 13.77
N GLU A 87 3.15 -20.56 14.59
CA GLU A 87 3.06 -20.26 16.01
C GLU A 87 3.02 -18.76 16.25
N ALA A 88 3.84 -18.01 15.52
CA ALA A 88 3.84 -16.55 15.66
C ALA A 88 2.49 -15.98 15.23
N GLU A 89 1.95 -16.51 14.13
CA GLU A 89 0.66 -16.08 13.63
C GLU A 89 -0.46 -16.36 14.65
N THR A 90 -0.47 -17.57 15.19
CA THR A 90 -1.48 -17.98 16.16
C THR A 90 -1.44 -17.11 17.42
N LEU A 91 -0.24 -16.88 17.94
CA LEU A 91 -0.09 -16.09 19.15
C LEU A 91 -0.43 -14.64 18.91
N THR A 92 -0.02 -14.12 17.76
CA THR A 92 -0.37 -12.75 17.36
C THR A 92 -1.88 -12.65 17.20
N LEU A 93 -2.46 -13.66 16.55
CA LEU A 93 -3.88 -13.72 16.31
C LEU A 93 -4.66 -13.74 17.61
N ALA A 94 -4.19 -14.53 18.56
CA ALA A 94 -4.84 -14.64 19.87
C ALA A 94 -4.78 -13.33 20.63
N PHE A 95 -3.72 -12.55 20.39
CA PHE A 95 -3.55 -11.26 21.03
C PHE A 95 -4.48 -10.20 20.42
N LEU A 96 -4.52 -10.14 19.10
CA LEU A 96 -5.30 -9.13 18.40
C LEU A 96 -6.81 -9.28 18.63
N GLU A 97 -7.27 -10.53 18.70
N GLU A 97 -7.27 -10.53 18.70
CA GLU A 97 -8.70 -10.79 18.81
CA GLU A 97 -8.70 -10.79 18.81
C GLU A 97 -9.29 -10.32 20.14
C GLU A 97 -9.30 -10.31 20.14
N LYS A 98 -8.45 -9.75 21.00
CA LYS A 98 -8.91 -9.23 22.27
C LYS A 98 -9.11 -7.72 22.24
N TYR A 99 -8.63 -7.07 21.19
CA TYR A 99 -8.76 -5.62 21.07
C TYR A 99 -9.64 -5.18 19.89
N VAL A 100 -9.75 -6.04 18.88
CA VAL A 100 -10.54 -5.77 17.68
C VAL A 100 -11.00 -7.09 17.10
N SER A 101 -12.14 -7.09 16.41
CA SER A 101 -12.62 -8.29 15.72
C SER A 101 -12.08 -8.34 14.29
N ALA A 102 -12.26 -9.48 13.63
CA ALA A 102 -11.65 -9.72 12.31
C ALA A 102 -12.13 -8.77 11.21
N GLY A 103 -11.19 -8.36 10.37
CA GLY A 103 -11.50 -7.56 9.20
C GLY A 103 -12.01 -6.17 9.50
N LYS A 104 -11.78 -5.68 10.71
CA LYS A 104 -12.25 -4.35 11.08
C LYS A 104 -11.20 -3.26 10.85
N SER A 105 -9.96 -3.55 11.22
CA SER A 105 -8.89 -2.56 11.13
C SER A 105 -8.04 -2.70 9.87
N PRO A 106 -7.65 -1.57 9.27
CA PRO A 106 -6.71 -1.62 8.15
C PRO A 106 -5.34 -2.02 8.67
N LEU A 107 -4.48 -2.47 7.77
CA LEU A 107 -3.08 -2.70 8.11
C LEU A 107 -2.41 -1.34 8.29
N CYS A 108 -1.86 -1.10 9.48
CA CYS A 108 -1.30 0.21 9.79
C CYS A 108 0.21 0.16 9.97
N GLY A 109 0.90 1.13 9.38
CA GLY A 109 2.34 1.22 9.48
C GLY A 109 2.97 2.07 8.39
N ASN A 110 4.25 1.82 8.11
CA ASN A 110 4.97 2.50 7.03
C ASN A 110 5.23 1.55 5.87
N SER A 111 4.81 1.94 4.67
CA SER A 111 5.02 1.16 3.46
C SER A 111 4.64 -0.31 3.64
N VAL A 112 3.38 -0.53 4.00
CA VAL A 112 2.93 -1.85 4.44
C VAL A 112 2.50 -2.81 3.31
N CYS A 113 2.59 -2.36 2.06
CA CYS A 113 2.29 -3.22 0.93
C CYS A 113 3.22 -4.43 0.88
N GLN A 114 4.49 -4.19 1.18
CA GLN A 114 5.49 -5.24 1.25
C GLN A 114 5.10 -6.27 2.32
N ASP A 115 4.59 -5.76 3.45
CA ASP A 115 4.15 -6.60 4.56
C ASP A 115 2.91 -7.39 4.19
N ARG A 116 1.98 -6.74 3.50
CA ARG A 116 0.74 -7.36 3.06
C ARG A 116 1.03 -8.56 2.15
N ARG A 117 2.07 -8.44 1.34
CA ARG A 117 2.45 -9.51 0.41
C ARG A 117 3.11 -10.70 1.09
N PHE A 118 3.87 -10.44 2.14
CA PHE A 118 4.44 -11.54 2.93
C PHE A 118 3.36 -12.18 3.81
N LEU A 119 2.58 -11.34 4.49
CA LEU A 119 1.46 -11.84 5.29
C LEU A 119 0.57 -12.75 4.44
N SER A 120 0.21 -12.28 3.26
CA SER A 120 -0.67 -13.02 2.36
C SER A 120 -0.15 -14.40 2.03
N ARG A 121 1.16 -14.51 1.81
CA ARG A 121 1.78 -15.76 1.40
C ARG A 121 2.15 -16.68 2.56
N TYR A 122 2.55 -16.10 3.69
CA TYR A 122 3.09 -16.89 4.80
C TYR A 122 2.19 -16.92 6.04
N PRO A 124 -1.69 -16.49 6.13
CA PRO A 124 -3.03 -16.33 5.53
C PRO A 124 -4.10 -15.86 6.51
N ARG A 125 -4.15 -16.46 7.70
CA ARG A 125 -5.17 -16.12 8.69
C ARG A 125 -5.01 -14.70 9.22
N LEU A 126 -3.82 -14.35 9.67
CA LEU A 126 -3.55 -13.01 10.15
C LEU A 126 -3.78 -11.97 9.05
N ASN A 127 -3.44 -12.34 7.82
CA ASN A 127 -3.67 -11.46 6.68
C ASN A 127 -5.16 -11.20 6.47
N GLN A 128 -5.96 -12.24 6.59
CA GLN A 128 -7.41 -12.11 6.45
C GLN A 128 -8.02 -11.34 7.61
N PHE A 129 -7.27 -11.23 8.70
CA PHE A 129 -7.78 -10.60 9.93
C PHE A 129 -7.86 -9.09 9.79
N PHE A 130 -7.07 -8.54 8.89
CA PHE A 130 -7.11 -7.11 8.62
C PHE A 130 -8.21 -6.75 7.64
N HIS A 131 -8.66 -5.51 7.69
CA HIS A 131 -9.52 -4.95 6.66
C HIS A 131 -8.68 -4.88 5.39
N TYR A 132 -9.32 -4.90 4.24
CA TYR A 132 -8.65 -4.85 2.95
C TYR A 132 -7.73 -3.63 2.81
N ARG A 133 -8.11 -2.54 3.46
CA ARG A 133 -7.42 -1.26 3.29
C ARG A 133 -6.16 -1.11 4.14
N HIS A 134 -5.39 -0.07 3.84
CA HIS A 134 -4.13 0.21 4.52
C HIS A 134 -4.14 1.63 5.08
N LEU A 135 -3.46 1.80 6.21
CA LEU A 135 -3.22 3.12 6.75
C LEU A 135 -1.71 3.33 6.77
N ASP A 136 -1.21 4.02 5.74
CA ASP A 136 0.22 4.15 5.53
C ASP A 136 0.74 5.56 5.83
N VAL A 137 1.61 5.66 6.82
CA VAL A 137 2.20 6.94 7.21
C VAL A 137 3.13 7.46 6.12
N THR A 138 3.71 6.54 5.37
CA THR A 138 4.59 6.92 4.27
C THR A 138 3.89 7.86 3.29
N THR A 139 2.59 7.64 3.08
CA THR A 139 1.79 8.52 2.24
C THR A 139 1.81 9.96 2.74
N LEU A 140 1.66 10.15 4.05
CA LEU A 140 1.77 11.47 4.67
C LEU A 140 3.18 12.03 4.51
N LYS A 141 4.16 11.14 4.64
CA LYS A 141 5.57 11.50 4.51
C LYS A 141 5.83 12.12 3.15
N ILE A 142 5.31 11.48 2.11
CA ILE A 142 5.48 11.96 0.74
C ILE A 142 4.90 13.35 0.55
N LEU A 143 3.66 13.54 0.98
CA LEU A 143 2.96 14.81 0.82
C LEU A 143 3.66 15.94 1.57
N ALA A 144 4.26 15.62 2.71
CA ALA A 144 4.97 16.62 3.49
C ALA A 144 6.26 17.03 2.77
N GLN A 145 6.96 16.06 2.22
CA GLN A 145 8.20 16.33 1.49
C GLN A 145 7.95 17.22 0.28
N ARG A 146 6.82 17.02 -0.39
CA ARG A 146 6.46 17.78 -1.59
C ARG A 146 5.87 19.15 -1.24
N TRP A 147 4.95 19.15 -0.27
CA TRP A 147 4.12 20.33 -0.01
C TRP A 147 4.58 21.16 1.18
N ALA A 148 5.45 20.61 2.01
CA ALA A 148 5.87 21.30 3.23
C ALA A 148 7.17 20.72 3.79
N PRO A 149 8.23 20.73 2.97
CA PRO A 149 9.51 20.08 3.32
C PRO A 149 9.99 20.39 4.74
N GLN A 150 9.76 21.60 5.22
CA GLN A 150 10.22 21.99 6.55
C GLN A 150 9.53 21.18 7.65
N ILE A 151 8.29 20.78 7.40
CA ILE A 151 7.53 19.94 8.33
C ILE A 151 8.06 18.51 8.31
N ALA A 152 8.22 17.96 7.10
CA ALA A 152 8.78 16.63 6.93
C ALA A 152 10.14 16.51 7.60
N ALA A 153 10.98 17.51 7.40
CA ALA A 153 12.35 17.50 7.89
C ALA A 153 12.48 17.66 9.40
N ALA A 154 11.39 18.04 10.05
CA ALA A 154 11.43 18.27 11.50
C ALA A 154 11.21 16.98 12.30
N HIS A 155 10.92 15.89 11.58
CA HIS A 155 10.74 14.59 12.22
C HIS A 155 11.55 13.54 11.47
N ILE A 156 12.87 13.62 11.59
CA ILE A 156 13.74 12.67 10.93
C ILE A 156 13.73 11.36 11.73
N LYS A 157 13.44 10.26 11.03
CA LYS A 157 13.34 8.97 11.69
C LYS A 157 14.54 8.08 11.37
N GLU A 158 15.20 7.58 12.41
CA GLU A 158 16.30 6.65 12.25
C GLU A 158 15.86 5.24 12.61
N SER A 159 15.67 4.41 11.59
CA SER A 159 15.12 3.07 11.79
C SER A 159 16.16 2.06 12.28
N GLN A 160 15.81 1.30 13.30
CA GLN A 160 16.69 0.28 13.85
C GLN A 160 16.51 -1.07 13.16
N HIS A 161 15.52 -1.15 12.27
CA HIS A 161 15.23 -2.39 11.55
C HIS A 161 14.87 -3.52 12.51
N LEU A 162 14.23 -3.14 13.62
CA LEU A 162 13.62 -4.09 14.55
C LEU A 162 12.13 -3.80 14.58
N ALA A 163 11.32 -4.83 14.31
CA ALA A 163 9.87 -4.65 14.10
C ALA A 163 9.21 -3.73 15.11
N LEU A 164 9.38 -4.05 16.40
CA LEU A 164 8.68 -3.35 17.47
C LEU A 164 9.07 -1.87 17.55
N GLN A 165 10.34 -1.58 17.35
CA GLN A 165 10.81 -0.20 17.36
C GLN A 165 10.30 0.55 16.14
N ASP A 166 10.14 -0.15 15.02
CA ASP A 166 9.63 0.48 13.81
C ASP A 166 8.14 0.82 13.98
N ILE A 167 7.39 -0.09 14.58
CA ILE A 167 5.97 0.15 14.83
C ILE A 167 5.77 1.38 15.72
N ARG A 168 6.60 1.49 16.75
CA ARG A 168 6.54 2.64 17.65
C ARG A 168 6.90 3.94 16.93
N ASP A 169 7.72 3.83 15.90
CA ASP A 169 8.09 4.98 15.10
C ASP A 169 6.94 5.39 14.20
N SER A 170 6.33 4.39 13.56
CA SER A 170 5.21 4.62 12.67
C SER A 170 4.09 5.38 13.36
N ILE A 171 3.80 5.00 14.60
CA ILE A 171 2.75 5.67 15.38
C ILE A 171 3.13 7.12 15.68
N GLU A 172 4.32 7.31 16.25
CA GLU A 172 4.77 8.65 16.61
C GLU A 172 4.93 9.55 15.39
N GLU A 173 5.19 8.96 14.22
CA GLU A 173 5.25 9.73 12.98
C GLU A 173 3.86 10.21 12.58
N LEU A 174 2.87 9.35 12.78
CA LEU A 174 1.49 9.71 12.49
C LEU A 174 1.01 10.78 13.48
N ARG A 175 1.40 10.62 14.74
CA ARG A 175 1.07 11.61 15.75
C ARG A 175 1.68 12.95 15.37
N TYR A 176 2.87 12.92 14.78
CA TYR A 176 3.57 14.13 14.38
C TYR A 176 2.87 14.85 13.24
N TYR A 177 2.42 14.08 12.24
CA TYR A 177 1.71 14.66 11.09
C TYR A 177 0.33 15.16 11.48
N ARG A 178 -0.33 14.46 12.40
CA ARG A 178 -1.67 14.87 12.84
C ARG A 178 -1.64 16.29 13.39
N ALA A 179 -0.55 16.63 14.07
CA ALA A 179 -0.43 17.92 14.73
C ALA A 179 0.09 19.02 13.82
N HIS A 180 1.02 18.70 12.92
CA HIS A 180 1.72 19.71 12.16
C HIS A 180 1.37 19.72 10.67
N LEU A 181 0.63 18.72 10.20
CA LEU A 181 0.27 18.67 8.79
C LEU A 181 -1.24 18.62 8.56
N LEU A 182 -1.99 18.30 9.61
CA LEU A 182 -3.43 18.12 9.46
C LEU A 182 -4.26 19.31 9.92
N ASN A 183 -5.41 19.49 9.28
CA ASN A 183 -6.33 20.59 9.58
C ASN A 183 -7.30 20.21 10.69
N LEU A 184 -6.77 19.99 11.88
CA LEU A 184 -7.57 19.62 13.04
C LEU A 184 -7.30 20.56 14.21
N SER B 1 16.48 25.78 -21.73
CA SER B 1 15.18 25.45 -21.17
C SER B 1 14.12 25.23 -22.25
N ASN B 2 13.02 24.61 -21.85
CA ASN B 2 11.90 24.39 -22.76
C ASN B 2 10.59 24.23 -21.99
N ALA B 3 9.48 24.12 -22.71
CA ALA B 3 8.18 24.08 -22.07
C ALA B 3 7.59 22.67 -22.01
N ASP B 5 6.80 18.92 -20.65
CA ASP B 5 6.32 18.62 -19.30
C ASP B 5 7.21 17.69 -18.48
N PHE B 6 8.39 17.36 -19.00
CA PHE B 6 9.26 16.42 -18.27
C PHE B 6 9.82 16.99 -16.98
N SER B 7 9.87 16.15 -15.95
CA SER B 7 10.44 16.50 -14.65
C SER B 7 10.43 15.30 -13.70
N ASP B 8 11.50 15.16 -12.94
CA ASP B 8 11.60 14.05 -11.99
C ASP B 8 10.79 14.32 -10.73
N ASP B 9 10.21 15.52 -10.64
CA ASP B 9 9.30 15.85 -9.55
C ASP B 9 7.86 15.42 -9.87
N ASN B 10 7.65 14.94 -11.10
CA ASN B 10 6.32 14.56 -11.59
C ASN B 10 5.76 13.28 -10.98
N LEU B 11 4.45 13.27 -10.76
CA LEU B 11 3.77 12.12 -10.14
C LEU B 11 3.07 11.25 -11.18
N ILE B 12 3.16 9.94 -10.99
CA ILE B 12 2.48 8.99 -11.90
C ILE B 12 1.31 8.31 -11.24
N TRP B 13 0.12 8.56 -11.77
CA TRP B 13 -1.09 7.93 -11.28
C TRP B 13 -1.48 6.77 -12.19
N LEU B 14 -1.84 5.65 -11.58
CA LEU B 14 -2.20 4.45 -12.35
C LEU B 14 -3.33 3.67 -11.70
N ASP B 15 -4.26 3.21 -12.53
CA ASP B 15 -5.34 2.35 -12.06
C ASP B 15 -5.51 1.12 -12.95
N LEU B 16 -5.99 0.04 -12.35
CA LEU B 16 -6.20 -1.19 -13.09
C LEU B 16 -7.58 -1.74 -12.81
N GLU B 17 -8.08 -2.55 -13.73
CA GLU B 17 -9.25 -3.36 -13.47
C GLU B 17 -8.84 -4.81 -13.67
N THR B 19 -9.82 -9.26 -13.12
CA THR B 19 -10.89 -10.23 -13.14
C THR B 19 -11.24 -10.64 -11.72
N GLY B 20 -10.37 -10.28 -10.79
CA GLY B 20 -10.55 -10.61 -9.39
C GLY B 20 -9.50 -10.00 -8.47
N LEU B 21 -9.39 -10.54 -7.27
CA LEU B 21 -8.52 -9.98 -6.26
C LEU B 21 -7.22 -10.76 -6.09
N ASP B 22 -7.13 -11.92 -6.75
CA ASP B 22 -5.94 -12.77 -6.62
C ASP B 22 -4.96 -12.55 -7.76
N PRO B 23 -3.88 -11.81 -7.48
CA PRO B 23 -2.89 -11.44 -8.50
C PRO B 23 -2.25 -12.68 -9.11
N GLU B 24 -2.16 -13.75 -8.35
CA GLU B 24 -1.55 -14.99 -8.83
C GLU B 24 -2.42 -15.75 -9.83
N ARG B 25 -3.74 -15.60 -9.72
CA ARG B 25 -4.67 -16.36 -10.54
C ARG B 25 -5.59 -15.49 -11.41
N ASP B 26 -5.71 -14.22 -11.06
CA ASP B 26 -6.51 -13.28 -11.84
C ASP B 26 -5.64 -12.49 -12.81
N ARG B 27 -6.27 -11.84 -13.78
CA ARG B 27 -5.54 -11.08 -14.80
C ARG B 27 -5.90 -9.60 -14.80
N ILE B 28 -5.09 -8.81 -15.49
CA ILE B 28 -5.39 -7.40 -15.72
C ILE B 28 -6.25 -7.29 -16.97
N ILE B 29 -7.34 -6.53 -16.90
CA ILE B 29 -8.20 -6.37 -18.06
C ILE B 29 -8.30 -4.93 -18.53
N GLU B 30 -7.80 -4.01 -17.73
CA GLU B 30 -7.71 -2.61 -18.14
C GLU B 30 -6.56 -1.88 -17.44
N ILE B 31 -5.97 -0.92 -18.15
CA ILE B 31 -4.90 -0.11 -17.57
C ILE B 31 -5.00 1.33 -18.07
N ALA B 32 -4.78 2.27 -17.16
CA ALA B 32 -4.73 3.68 -17.52
C ALA B 32 -3.73 4.39 -16.62
N THR B 33 -3.18 5.50 -17.10
CA THR B 33 -2.26 6.30 -16.32
C THR B 33 -2.46 7.79 -16.58
N ILE B 34 -2.16 8.60 -15.58
CA ILE B 34 -2.17 10.05 -15.73
C ILE B 34 -0.95 10.64 -15.04
N VAL B 35 -0.30 11.58 -15.73
CA VAL B 35 0.84 12.27 -15.15
C VAL B 35 0.41 13.64 -14.64
N THR B 36 0.69 13.91 -13.36
CA THR B 36 0.50 15.23 -12.79
C THR B 36 1.85 15.78 -12.34
N ASN B 37 1.91 17.08 -12.07
CA ASN B 37 3.08 17.63 -11.41
C ASN B 37 2.93 17.44 -9.90
N SER B 38 3.79 18.05 -9.12
CA SER B 38 3.71 17.89 -7.66
C SER B 38 2.56 18.71 -7.06
N HIS B 39 2.07 19.68 -7.83
CA HIS B 39 0.96 20.53 -7.40
C HIS B 39 -0.38 19.91 -7.82
N LEU B 40 -0.32 18.69 -8.35
CA LEU B 40 -1.50 17.94 -8.76
C LEU B 40 -2.14 18.44 -10.06
N ASP B 41 -1.43 19.29 -10.81
CA ASP B 41 -1.88 19.71 -12.12
C ASP B 41 -1.70 18.59 -13.14
N ILE B 42 -2.78 18.27 -13.86
CA ILE B 42 -2.70 17.25 -14.90
C ILE B 42 -1.91 17.78 -16.09
N LEU B 43 -0.85 17.06 -16.46
CA LEU B 43 -0.02 17.45 -17.58
C LEU B 43 -0.49 16.73 -18.84
N ALA B 44 -0.58 15.41 -18.74
CA ALA B 44 -1.04 14.59 -19.85
C ALA B 44 -1.67 13.31 -19.31
N GLU B 45 -2.74 12.86 -19.97
CA GLU B 45 -3.36 11.59 -19.65
C GLU B 45 -2.77 10.51 -20.55
N GLY B 46 -2.45 9.36 -19.96
CA GLY B 46 -1.83 8.29 -20.71
C GLY B 46 -2.83 7.46 -21.47
N PRO B 47 -2.34 6.46 -22.22
CA PRO B 47 -3.22 5.60 -23.00
C PRO B 47 -4.07 4.70 -22.09
N ALA B 48 -5.34 4.51 -22.45
CA ALA B 48 -6.22 3.61 -21.72
C ALA B 48 -6.46 2.34 -22.53
N PHE B 49 -6.08 1.20 -21.99
CA PHE B 49 -6.15 -0.05 -22.73
C PHE B 49 -7.07 -1.06 -22.07
N ALA B 50 -8.05 -1.54 -22.84
CA ALA B 50 -8.71 -2.79 -22.49
C ALA B 50 -7.73 -3.89 -22.87
N ILE B 51 -7.46 -4.81 -21.95
CA ILE B 51 -6.50 -5.86 -22.22
C ILE B 51 -7.19 -7.19 -22.49
N HIS B 52 -7.04 -7.68 -23.72
CA HIS B 52 -7.68 -8.91 -24.15
C HIS B 52 -7.35 -10.07 -23.22
N GLN B 53 -8.37 -10.85 -22.90
CA GLN B 53 -8.21 -12.07 -22.11
C GLN B 53 -9.09 -13.16 -22.69
N PRO B 54 -8.63 -14.42 -22.64
CA PRO B 54 -9.41 -15.50 -23.25
C PRO B 54 -10.76 -15.65 -22.56
N ASP B 55 -11.81 -15.87 -23.33
CA ASP B 55 -13.17 -15.90 -22.79
C ASP B 55 -13.36 -16.94 -21.70
N LYS B 56 -12.69 -18.08 -21.82
CA LYS B 56 -12.80 -19.12 -20.79
C LYS B 56 -12.42 -18.56 -19.42
N LEU B 57 -11.51 -17.60 -19.41
CA LEU B 57 -11.09 -16.94 -18.17
C LEU B 57 -12.15 -15.95 -17.68
N LEU B 58 -12.65 -15.13 -18.60
CA LEU B 58 -13.64 -14.10 -18.27
C LEU B 58 -14.96 -14.67 -17.78
N THR B 59 -15.24 -15.92 -18.12
CA THR B 59 -16.47 -16.57 -17.68
C THR B 59 -16.27 -17.28 -16.35
N ALA B 60 -15.05 -17.24 -15.83
CA ALA B 60 -14.76 -17.80 -14.51
C ALA B 60 -14.72 -16.71 -13.46
N ASP B 62 -16.52 -14.15 -10.73
CA ASP B 62 -17.68 -14.23 -9.84
C ASP B 62 -18.78 -13.29 -10.32
N ASN B 63 -19.91 -13.29 -9.63
CA ASN B 63 -21.02 -12.44 -10.02
C ASN B 63 -20.64 -10.96 -10.01
N TRP B 64 -20.05 -10.51 -8.91
CA TRP B 64 -19.69 -9.11 -8.76
C TRP B 64 -18.92 -8.58 -9.98
N ASN B 65 -17.91 -9.33 -10.40
CA ASN B 65 -17.07 -8.89 -11.51
C ASN B 65 -17.73 -8.97 -12.88
N THR B 66 -18.50 -10.03 -13.12
CA THR B 66 -19.21 -10.15 -14.38
C THR B 66 -20.31 -9.09 -14.48
N SER B 67 -20.89 -8.76 -13.35
CA SER B 67 -21.90 -7.71 -13.29
C SER B 67 -21.29 -6.35 -13.62
N HIS B 68 -20.27 -5.98 -12.84
CA HIS B 68 -19.63 -4.67 -12.98
C HIS B 68 -18.96 -4.44 -14.32
N HIS B 69 -18.20 -5.43 -14.79
CA HIS B 69 -17.41 -5.28 -16.02
C HIS B 69 -18.25 -5.35 -17.28
N THR B 70 -19.38 -6.05 -17.22
CA THR B 70 -20.34 -6.03 -18.32
C THR B 70 -21.03 -4.68 -18.35
N ALA B 71 -21.48 -4.25 -17.18
CA ALA B 71 -22.20 -2.98 -17.03
C ALA B 71 -21.39 -1.79 -17.55
N SER B 72 -20.10 -1.77 -17.23
CA SER B 72 -19.26 -0.63 -17.58
C SER B 72 -18.80 -0.66 -19.03
N GLY B 73 -19.10 -1.77 -19.71
CA GLY B 73 -18.74 -1.91 -21.10
C GLY B 73 -17.31 -2.38 -21.28
N LEU B 74 -16.64 -2.66 -20.16
CA LEU B 74 -15.26 -3.10 -20.19
C LEU B 74 -15.11 -4.51 -20.78
N LEU B 75 -16.01 -5.41 -20.40
CA LEU B 75 -15.94 -6.79 -20.86
C LEU B 75 -16.06 -6.90 -22.37
N GLU B 76 -16.80 -5.99 -22.98
CA GLU B 76 -16.95 -5.99 -24.44
C GLU B 76 -15.67 -5.46 -25.11
N ARG B 77 -15.10 -4.41 -24.55
CA ARG B 77 -13.85 -3.85 -25.07
C ARG B 77 -12.72 -4.86 -24.95
N VAL B 78 -12.82 -5.74 -23.96
CA VAL B 78 -11.80 -6.78 -23.74
C VAL B 78 -11.86 -7.86 -24.83
N LYS B 79 -13.06 -8.32 -25.16
CA LYS B 79 -13.24 -9.33 -26.20
C LYS B 79 -12.80 -8.83 -27.58
N ASN B 80 -12.84 -7.52 -27.79
CA ASN B 80 -12.47 -6.94 -29.08
C ASN B 80 -11.10 -6.28 -29.08
N SER B 81 -10.33 -6.53 -28.03
CA SER B 81 -9.01 -5.92 -27.87
C SER B 81 -7.93 -6.78 -28.51
N SER B 82 -7.00 -6.13 -29.21
CA SER B 82 -5.84 -6.82 -29.78
C SER B 82 -4.59 -6.48 -28.99
N VAL B 83 -4.78 -5.97 -27.77
CA VAL B 83 -3.67 -5.56 -26.93
C VAL B 83 -3.50 -6.48 -25.71
N ASP B 84 -2.33 -7.09 -25.59
CA ASP B 84 -2.02 -7.93 -24.44
C ASP B 84 -1.17 -7.16 -23.42
N GLU B 85 -0.83 -7.81 -22.32
CA GLU B 85 -0.08 -7.16 -21.25
C GLU B 85 1.16 -6.44 -21.75
N VAL B 86 1.99 -7.15 -22.52
CA VAL B 86 3.26 -6.59 -22.97
C VAL B 86 3.08 -5.33 -23.81
N GLU B 87 2.17 -5.38 -24.77
CA GLU B 87 1.94 -4.22 -25.63
C GLU B 87 1.43 -3.02 -24.83
N ALA B 88 0.48 -3.25 -23.95
CA ALA B 88 -0.02 -2.19 -23.09
C ALA B 88 1.11 -1.61 -22.25
N GLU B 89 1.91 -2.50 -21.66
CA GLU B 89 3.05 -2.11 -20.85
C GLU B 89 4.02 -1.25 -21.66
N THR B 90 4.41 -1.74 -22.83
CA THR B 90 5.37 -1.03 -23.68
C THR B 90 4.88 0.38 -24.03
N LEU B 91 3.66 0.47 -24.54
CA LEU B 91 3.10 1.76 -24.91
C LEU B 91 3.02 2.70 -23.71
N THR B 92 2.51 2.17 -22.59
CA THR B 92 2.44 2.94 -21.36
C THR B 92 3.82 3.43 -20.97
N LEU B 93 4.80 2.54 -21.07
CA LEU B 93 6.18 2.86 -20.73
C LEU B 93 6.70 4.00 -21.60
N ALA B 94 6.49 3.89 -22.91
CA ALA B 94 6.92 4.93 -23.85
C ALA B 94 6.29 6.27 -23.51
N PHE B 95 5.07 6.24 -22.98
CA PHE B 95 4.37 7.46 -22.60
C PHE B 95 4.96 8.07 -21.34
N LEU B 96 5.20 7.24 -20.33
CA LEU B 96 5.69 7.72 -19.04
C LEU B 96 7.12 8.25 -19.12
N GLU B 97 7.92 7.66 -20.02
CA GLU B 97 9.30 8.10 -20.20
C GLU B 97 9.39 9.57 -20.60
N LYS B 98 8.32 10.12 -21.17
CA LYS B 98 8.33 11.49 -21.63
C LYS B 98 8.21 12.50 -20.50
N TYR B 99 7.60 12.09 -19.39
CA TYR B 99 7.30 13.03 -18.31
C TYR B 99 8.16 12.88 -17.06
N VAL B 100 8.82 11.73 -16.92
CA VAL B 100 9.61 11.42 -15.73
C VAL B 100 10.47 10.19 -16.02
N SER B 101 11.61 10.08 -15.33
CA SER B 101 12.50 8.94 -15.53
C SER B 101 12.18 7.77 -14.59
N ALA B 102 12.83 6.63 -14.84
CA ALA B 102 12.57 5.39 -14.11
C ALA B 102 12.88 5.46 -12.62
N GLY B 103 11.98 4.92 -11.81
CA GLY B 103 12.18 4.80 -10.39
C GLY B 103 12.09 6.11 -9.63
N LYS B 104 11.58 7.14 -10.29
CA LYS B 104 11.53 8.47 -9.68
C LYS B 104 10.21 8.73 -8.94
N SER B 105 9.10 8.38 -9.55
CA SER B 105 7.78 8.65 -8.98
C SER B 105 7.23 7.46 -8.20
N PRO B 106 6.56 7.74 -7.07
CA PRO B 106 5.85 6.69 -6.34
C PRO B 106 4.59 6.31 -7.10
N LEU B 107 4.05 5.12 -6.82
CA LEU B 107 2.79 4.70 -7.40
C LEU B 107 1.66 5.49 -6.73
N CYS B 108 0.95 6.28 -7.52
CA CYS B 108 -0.11 7.15 -7.00
C CYS B 108 -1.50 6.69 -7.41
N GLY B 109 -2.42 6.68 -6.46
CA GLY B 109 -3.80 6.29 -6.70
C GLY B 109 -4.53 5.97 -5.40
N ASN B 110 -5.58 5.14 -5.50
CA ASN B 110 -6.30 4.66 -4.32
C ASN B 110 -6.10 3.17 -4.12
N SER B 111 -5.64 2.78 -2.93
CA SER B 111 -5.42 1.38 -2.58
C SER B 111 -4.60 0.65 -3.64
N VAL B 112 -3.41 1.17 -3.88
CA VAL B 112 -2.59 0.76 -5.02
C VAL B 112 -1.69 -0.45 -4.78
N CYS B 113 -1.71 -0.99 -3.55
CA CYS B 113 -0.94 -2.20 -3.28
C CYS B 113 -1.40 -3.33 -4.20
N GLN B 114 -2.72 -3.47 -4.35
CA GLN B 114 -3.32 -4.47 -5.21
C GLN B 114 -2.80 -4.33 -6.63
N ASP B 115 -2.66 -3.09 -7.07
CA ASP B 115 -2.15 -2.77 -8.41
C ASP B 115 -0.67 -3.13 -8.48
N ARG B 116 0.07 -2.78 -7.44
CA ARG B 116 1.49 -3.08 -7.35
C ARG B 116 1.74 -4.59 -7.44
N ARG B 117 0.79 -5.37 -6.91
CA ARG B 117 0.92 -6.82 -6.89
C ARG B 117 0.58 -7.45 -8.24
N PHE B 118 -0.30 -6.81 -9.00
CA PHE B 118 -0.57 -7.26 -10.36
C PHE B 118 0.53 -6.81 -11.31
N LEU B 119 0.98 -5.57 -11.16
CA LEU B 119 2.06 -5.04 -11.97
C LEU B 119 3.30 -5.92 -11.82
N SER B 120 3.63 -6.24 -10.58
CA SER B 120 4.80 -7.05 -10.29
C SER B 120 4.74 -8.38 -11.02
N ARG B 121 3.55 -8.96 -11.11
CA ARG B 121 3.39 -10.29 -11.69
C ARG B 121 3.21 -10.30 -13.21
N TYR B 122 2.57 -9.25 -13.75
CA TYR B 122 2.23 -9.22 -15.16
C TYR B 122 2.95 -8.12 -15.95
N PRO B 124 6.35 -6.43 -15.07
CA PRO B 124 7.61 -6.21 -14.34
C PRO B 124 8.35 -4.93 -14.73
N ARG B 125 8.37 -4.59 -16.01
CA ARG B 125 9.08 -3.39 -16.47
C ARG B 125 8.42 -2.10 -15.96
N LEU B 126 7.11 -2.00 -16.14
CA LEU B 126 6.37 -0.85 -15.64
C LEU B 126 6.45 -0.79 -14.11
N ASN B 127 6.30 -1.95 -13.49
CA ASN B 127 6.42 -2.04 -12.03
C ASN B 127 7.74 -1.45 -11.55
N GLN B 128 8.84 -1.87 -12.18
CA GLN B 128 10.16 -1.38 -11.82
C GLN B 128 10.32 0.10 -12.13
N PHE B 129 9.48 0.62 -13.01
CA PHE B 129 9.57 2.02 -13.44
C PHE B 129 9.19 2.97 -12.31
N PHE B 130 8.42 2.47 -11.34
CA PHE B 130 7.99 3.28 -10.21
C PHE B 130 8.98 3.22 -9.06
N HIS B 131 9.03 4.29 -8.28
CA HIS B 131 9.76 4.26 -7.01
C HIS B 131 9.14 3.16 -6.15
N TYR B 132 9.88 2.70 -5.16
CA TYR B 132 9.41 1.65 -4.25
C TYR B 132 8.17 2.09 -3.48
N ARG B 133 8.04 3.39 -3.22
CA ARG B 133 6.99 3.90 -2.35
C ARG B 133 5.65 4.10 -3.03
N HIS B 134 4.66 4.47 -2.23
CA HIS B 134 3.30 4.66 -2.71
C HIS B 134 2.72 5.99 -2.22
N LEU B 135 1.89 6.59 -3.06
CA LEU B 135 1.10 7.73 -2.64
C LEU B 135 -0.36 7.30 -2.75
N ASP B 136 -0.93 6.91 -1.63
CA ASP B 136 -2.27 6.33 -1.58
C ASP B 136 -3.25 7.29 -0.93
N VAL B 137 -4.21 7.78 -1.72
CA VAL B 137 -5.21 8.73 -1.23
C VAL B 137 -6.12 8.07 -0.18
N THR B 138 -6.29 6.77 -0.28
CA THR B 138 -7.13 6.04 0.67
C THR B 138 -6.69 6.28 2.11
N THR B 139 -5.38 6.41 2.31
CA THR B 139 -4.84 6.74 3.63
C THR B 139 -5.42 8.06 4.16
N LEU B 140 -5.48 9.07 3.30
CA LEU B 140 -6.12 10.34 3.67
C LEU B 140 -7.60 10.14 3.98
N LYS B 141 -8.23 9.24 3.23
CA LYS B 141 -9.64 8.95 3.39
C LYS B 141 -9.92 8.37 4.77
N ILE B 142 -9.10 7.40 5.17
CA ILE B 142 -9.24 6.77 6.48
C ILE B 142 -9.15 7.82 7.58
N LEU B 143 -8.12 8.64 7.52
CA LEU B 143 -7.89 9.66 8.53
C LEU B 143 -9.04 10.66 8.59
N ALA B 144 -9.64 10.94 7.44
CA ALA B 144 -10.78 11.86 7.39
C ALA B 144 -12.02 11.21 8.00
N GLN B 145 -12.18 9.91 7.77
CA GLN B 145 -13.30 9.16 8.35
C GLN B 145 -13.18 9.07 9.88
N ARG B 146 -11.97 8.89 10.38
CA ARG B 146 -11.75 8.74 11.81
C ARG B 146 -11.75 10.08 12.54
N TRP B 147 -11.04 11.06 11.97
CA TRP B 147 -10.75 12.31 12.68
C TRP B 147 -11.60 13.52 12.24
N ALA B 148 -12.23 13.42 11.08
CA ALA B 148 -13.04 14.53 10.57
C ALA B 148 -14.13 14.04 9.63
N PRO B 149 -15.04 13.20 10.14
CA PRO B 149 -16.06 12.55 9.31
C PRO B 149 -16.83 13.52 8.42
N GLN B 150 -17.09 14.73 8.89
CA GLN B 150 -17.82 15.72 8.10
C GLN B 150 -17.04 16.14 6.86
N ILE B 151 -15.71 16.11 6.95
CA ILE B 151 -14.85 16.43 5.82
C ILE B 151 -14.89 15.29 4.80
N ALA B 152 -14.69 14.07 5.28
CA ALA B 152 -14.74 12.89 4.43
C ALA B 152 -16.10 12.78 3.73
N ALA B 153 -17.17 13.03 4.47
CA ALA B 153 -18.53 12.87 3.96
C ALA B 153 -18.90 13.92 2.90
N ALA B 154 -18.07 14.95 2.77
CA ALA B 154 -18.36 16.02 1.82
C ALA B 154 -17.80 15.70 0.43
N HIS B 155 -17.05 14.61 0.32
CA HIS B 155 -16.52 14.18 -0.97
C HIS B 155 -16.87 12.71 -1.23
N ILE B 156 -18.11 12.48 -1.66
CA ILE B 156 -18.56 11.13 -1.94
C ILE B 156 -18.13 10.70 -3.34
N LYS B 157 -17.44 9.58 -3.42
CA LYS B 157 -16.99 9.08 -4.71
C LYS B 157 -17.92 7.99 -5.22
N GLU B 158 -18.26 8.07 -6.50
CA GLU B 158 -19.05 7.02 -7.15
C GLU B 158 -18.26 6.41 -8.30
N SER B 159 -17.57 5.31 -8.00
CA SER B 159 -16.66 4.70 -8.95
C SER B 159 -17.36 3.99 -10.11
N GLN B 160 -16.93 4.32 -11.33
CA GLN B 160 -17.44 3.68 -12.53
C GLN B 160 -16.71 2.39 -12.85
N HIS B 161 -15.67 2.09 -12.05
CA HIS B 161 -14.86 0.89 -12.25
C HIS B 161 -14.22 0.86 -13.63
N LEU B 162 -13.84 2.05 -14.10
CA LEU B 162 -13.08 2.21 -15.33
C LEU B 162 -11.81 2.96 -14.96
N ALA B 163 -10.68 2.46 -15.45
CA ALA B 163 -9.37 2.96 -15.02
C ALA B 163 -9.19 4.47 -15.13
N LEU B 164 -9.39 5.02 -16.32
CA LEU B 164 -9.19 6.44 -16.58
C LEU B 164 -10.10 7.31 -15.72
N GLN B 165 -11.34 6.86 -15.52
CA GLN B 165 -12.27 7.55 -14.66
C GLN B 165 -11.80 7.51 -13.22
N ASP B 166 -11.35 6.35 -12.77
CA ASP B 166 -10.93 6.18 -11.39
C ASP B 166 -9.68 7.00 -11.06
N ILE B 167 -8.73 7.05 -11.99
CA ILE B 167 -7.54 7.87 -11.80
C ILE B 167 -7.91 9.34 -11.65
N ARG B 168 -8.85 9.80 -12.46
CA ARG B 168 -9.33 11.18 -12.37
C ARG B 168 -9.97 11.46 -11.01
N ASP B 169 -10.65 10.46 -10.47
CA ASP B 169 -11.29 10.60 -9.17
C ASP B 169 -10.25 10.65 -8.06
N SER B 170 -9.22 9.80 -8.20
CA SER B 170 -8.12 9.75 -7.22
C SER B 170 -7.42 11.11 -7.08
N ILE B 171 -7.15 11.76 -8.21
CA ILE B 171 -6.54 13.09 -8.19
C ILE B 171 -7.47 14.09 -7.51
N GLU B 172 -8.72 14.16 -7.98
CA GLU B 172 -9.70 15.07 -7.41
C GLU B 172 -9.86 14.86 -5.90
N GLU B 173 -9.75 13.61 -5.48
CA GLU B 173 -9.87 13.30 -4.05
C GLU B 173 -8.70 13.89 -3.27
N LEU B 174 -7.49 13.75 -3.81
CA LEU B 174 -6.30 14.29 -3.16
C LEU B 174 -6.33 15.82 -3.12
N ARG B 175 -6.76 16.43 -4.22
CA ARG B 175 -6.92 17.88 -4.26
C ARG B 175 -7.87 18.33 -3.15
N TYR B 176 -8.90 17.54 -2.92
CA TYR B 176 -9.91 17.88 -1.92
C TYR B 176 -9.36 17.87 -0.50
N TYR B 177 -8.61 16.82 -0.15
CA TYR B 177 -8.02 16.71 1.18
C TYR B 177 -6.96 17.79 1.41
N ARG B 178 -6.24 18.15 0.36
CA ARG B 178 -5.21 19.18 0.46
C ARG B 178 -5.81 20.50 0.96
N ALA B 179 -6.99 20.82 0.46
CA ALA B 179 -7.65 22.07 0.80
C ALA B 179 -8.40 22.00 2.12
N HIS B 180 -8.97 20.83 2.42
CA HIS B 180 -9.91 20.73 3.53
C HIS B 180 -9.41 19.87 4.69
N LEU B 181 -8.32 19.15 4.50
CA LEU B 181 -7.79 18.29 5.56
C LEU B 181 -6.36 18.64 5.93
N LEU B 182 -5.64 19.27 5.02
CA LEU B 182 -4.23 19.56 5.24
C LEU B 182 -3.96 20.97 5.73
N ASN B 183 -2.85 21.13 6.44
CA ASN B 183 -2.47 22.40 7.04
C ASN B 183 -1.67 23.25 6.05
N LEU B 184 -2.28 23.52 4.90
CA LEU B 184 -1.65 24.33 3.86
C LEU B 184 -2.65 24.66 2.74
#